data_5Q1T
#
_entry.id   5Q1T
#
_cell.length_a   52.420
_cell.length_b   57.310
_cell.length_c   115.160
_cell.angle_alpha   90.000
_cell.angle_beta   90.000
_cell.angle_gamma   90.000
#
_symmetry.space_group_name_H-M   'P 21 21 21'
#
loop_
_entity.id
_entity.type
_entity.pdbx_description
1 polymer 'DNA cross-link repair 1A protein'
2 non-polymer 'MALONATE ION'
3 non-polymer 'NICKEL (II) ION'
4 non-polymer 1-(phenylmethyl)-4-pyrrol-1-yl-piperidine
5 water water
#
_entity_poly.entity_id   1
_entity_poly.type   'polypeptide(L)'
_entity_poly.pdbx_seq_one_letter_code
;KKTCPFYKKIPGTGFTVDAFQYGVVEGCTAYFLTHFHSDHYAGLSKHFTFPVYCSEITGNLLKNKLHVQEQYIHPLPLDT
ECIVNGVKVVLLDANHCPGAVMILFYLPNGTVILHTGDFRADPSMERSLLADQKVHMLYLDTTYCSPEYTFPSQQEVIRF
AINTAFEAVTLNPHALVVCGTYSIGKEKVFLAIADVLGSKVGMSQEKYKTLQCLNIPEINSLITTDMCSSLVHLLPMMQI
NFKGLQSHLKKCGGKYNQILAFRPTGWTHSNKFTRIADVIPQTKGNISIYGIPYSEHSSYLEMKRFVQWLKPQKIIPTVN
VGTWKSRSTMEKYFREWKLEAGY
;
_entity_poly.pdbx_strand_id   A
#
loop_
_chem_comp.id
_chem_comp.type
_chem_comp.name
_chem_comp.formula
AXG non-polymer 1-(phenylmethyl)-4-pyrrol-1-yl-piperidine 'C16 H20 N2'
MLI non-polymer 'MALONATE ION' 'C3 H2 O4 -2'
NI non-polymer 'NICKEL (II) ION' 'Ni 2'
#
# COMPACT_ATOMS: atom_id res chain seq x y z
N THR A 3 6.37 -3.77 -24.52
CA THR A 3 7.75 -3.20 -24.29
C THR A 3 7.88 -2.35 -23.02
N CYS A 4 8.96 -2.57 -22.29
CA CYS A 4 9.24 -1.94 -20.98
C CYS A 4 9.51 -0.43 -21.10
N PRO A 5 8.72 0.43 -20.39
CA PRO A 5 8.86 1.89 -20.55
C PRO A 5 10.07 2.46 -19.81
N PHE A 6 10.44 3.70 -20.16
CA PHE A 6 11.67 4.31 -19.62
C PHE A 6 11.67 4.50 -18.11
N TYR A 7 10.54 4.90 -17.53
CA TYR A 7 10.44 5.15 -16.08
C TYR A 7 10.50 3.91 -15.17
N LYS A 8 10.68 2.71 -15.77
CA LYS A 8 11.05 1.46 -15.06
C LYS A 8 12.49 0.96 -15.32
N LYS A 9 13.29 1.72 -16.07
CA LYS A 9 14.68 1.33 -16.34
C LYS A 9 15.64 2.14 -15.46
N ILE A 10 16.70 1.50 -14.95
CA ILE A 10 17.71 2.21 -14.13
C ILE A 10 18.96 2.41 -14.99
N PRO A 11 19.15 3.64 -15.52
CA PRO A 11 20.20 3.87 -16.52
C PRO A 11 21.58 3.55 -15.97
N GLY A 12 22.38 2.85 -16.75
CA GLY A 12 23.75 2.50 -16.36
C GLY A 12 23.90 1.24 -15.54
N THR A 13 22.80 0.50 -15.36
CA THR A 13 22.82 -0.83 -14.73
C THR A 13 22.08 -1.81 -15.61
N GLY A 14 22.12 -3.09 -15.22
CA GLY A 14 21.26 -4.13 -15.79
C GLY A 14 20.00 -4.37 -14.99
N PHE A 15 19.49 -3.34 -14.30
CA PHE A 15 18.32 -3.50 -13.41
C PHE A 15 17.03 -2.91 -13.99
N THR A 16 15.90 -3.57 -13.69
CA THR A 16 14.57 -2.98 -13.85
C THR A 16 13.86 -2.96 -12.49
N VAL A 17 12.84 -2.13 -12.41
CA VAL A 17 11.95 -2.00 -11.24
C VAL A 17 10.50 -2.24 -11.67
N ASP A 18 9.86 -3.26 -11.08
CA ASP A 18 8.43 -3.58 -11.29
C ASP A 18 8.09 -3.81 -12.78
N ALA A 19 8.95 -4.58 -13.44
CA ALA A 19 8.90 -4.80 -14.89
C ALA A 19 8.77 -6.28 -15.25
N PHE A 20 7.64 -6.89 -14.89
CA PHE A 20 7.43 -8.34 -15.09
C PHE A 20 6.41 -8.69 -16.17
N GLN A 21 5.82 -7.69 -16.82
CA GLN A 21 4.73 -7.92 -17.78
C GLN A 21 5.14 -7.77 -19.26
N TYR A 22 6.45 -7.64 -19.50
CA TYR A 22 7.00 -7.33 -20.83
C TYR A 22 7.86 -8.49 -21.37
N GLY A 23 7.66 -9.70 -20.85
CA GLY A 23 8.51 -10.85 -21.19
C GLY A 23 9.95 -10.67 -20.74
N VAL A 24 10.88 -11.14 -21.55
CA VAL A 24 12.31 -11.06 -21.22
C VAL A 24 12.82 -9.67 -21.65
N VAL A 25 13.22 -8.86 -20.66
CA VAL A 25 13.64 -7.48 -20.93
C VAL A 25 15.12 -7.52 -21.34
N GLU A 26 15.42 -6.97 -22.51
CA GLU A 26 16.77 -7.04 -23.09
C GLU A 26 17.81 -6.34 -22.22
N GLY A 27 18.80 -7.12 -21.77
CA GLY A 27 19.88 -6.60 -20.94
C GLY A 27 19.61 -6.59 -19.46
N CYS A 28 18.54 -7.26 -19.00
CA CYS A 28 18.20 -7.29 -17.57
C CYS A 28 18.70 -8.55 -16.88
N THR A 29 19.63 -8.36 -15.94
CA THR A 29 20.23 -9.41 -15.11
C THR A 29 19.61 -9.55 -13.70
N ALA A 30 18.88 -8.52 -13.27
CA ALA A 30 18.21 -8.53 -11.97
C ALA A 30 16.94 -7.68 -12.03
N TYR A 31 15.84 -8.28 -11.58
CA TYR A 31 14.52 -7.65 -11.57
C TYR A 31 14.16 -7.31 -10.13
N PHE A 32 14.01 -6.02 -9.83
CA PHE A 32 13.53 -5.60 -8.48
C PHE A 32 12.01 -5.51 -8.45
N LEU A 33 11.43 -5.89 -7.30
CA LEU A 33 9.99 -5.75 -7.02
C LEU A 33 9.79 -4.92 -5.74
N THR A 34 9.18 -3.73 -5.86
CA THR A 34 9.01 -2.85 -4.70
C THR A 34 7.97 -3.35 -3.69
N HIS A 35 6.90 -3.99 -4.19
CA HIS A 35 5.81 -4.47 -3.30
C HIS A 35 4.85 -5.41 -4.02
N PHE A 36 4.12 -6.20 -3.21
CA PHE A 36 3.19 -7.22 -3.71
C PHE A 36 1.77 -6.64 -3.95
N HIS A 37 1.67 -5.73 -4.93
CA HIS A 37 0.37 -5.34 -5.50
C HIS A 37 0.34 -5.75 -6.97
N SER A 38 -0.84 -6.18 -7.44
CA SER A 38 -0.90 -6.87 -8.74
C SER A 38 -0.45 -6.05 -9.97
N ASP A 39 -0.70 -4.73 -9.99
CA ASP A 39 -0.22 -3.89 -11.12
C ASP A 39 1.33 -3.86 -11.19
N HIS A 40 1.99 -4.08 -10.05
CA HIS A 40 3.45 -4.09 -10.00
C HIS A 40 4.09 -5.47 -10.27
N TYR A 41 3.49 -6.55 -9.76
CA TYR A 41 4.02 -7.92 -9.96
C TYR A 41 3.57 -8.62 -11.22
N ALA A 42 2.60 -8.02 -11.91
CA ALA A 42 1.95 -8.56 -13.11
C ALA A 42 2.94 -9.26 -14.07
N GLY A 43 2.75 -10.56 -14.28
CA GLY A 43 3.63 -11.41 -15.07
C GLY A 43 4.41 -12.48 -14.31
N LEU A 44 4.72 -12.24 -13.03
CA LEU A 44 5.43 -13.25 -12.18
C LEU A 44 4.63 -14.54 -11.90
N SER A 45 5.30 -15.69 -11.94
CA SER A 45 4.70 -17.02 -11.70
C SER A 45 5.76 -18.09 -11.36
N LYS A 46 5.32 -19.33 -11.15
CA LYS A 46 6.23 -20.49 -10.96
C LYS A 46 7.24 -20.76 -12.08
N HIS A 47 6.97 -20.20 -13.26
CA HIS A 47 7.82 -20.40 -14.44
C HIS A 47 8.91 -19.36 -14.62
N PHE A 48 8.95 -18.32 -13.76
CA PHE A 48 9.95 -17.25 -13.85
C PHE A 48 11.29 -17.81 -13.42
N THR A 49 12.34 -17.56 -14.22
CA THR A 49 13.68 -18.14 -13.98
C THR A 49 14.83 -17.12 -13.93
N PHE A 50 14.53 -15.86 -13.58
CA PHE A 50 15.56 -14.82 -13.39
C PHE A 50 15.57 -14.35 -11.93
N PRO A 51 16.71 -13.78 -11.45
CA PRO A 51 16.73 -13.33 -10.07
C PRO A 51 15.76 -12.16 -9.80
N VAL A 52 15.06 -12.28 -8.68
CA VAL A 52 14.12 -11.25 -8.19
C VAL A 52 14.63 -10.76 -6.85
N TYR A 53 14.86 -9.45 -6.74
CA TYR A 53 15.31 -8.81 -5.50
C TYR A 53 14.12 -8.04 -4.87
N CYS A 54 13.92 -8.22 -3.55
CA CYS A 54 12.73 -7.70 -2.87
C CYS A 54 12.92 -7.78 -1.37
N SER A 55 11.98 -7.24 -0.59
CA SER A 55 11.97 -7.42 0.88
C SER A 55 11.67 -8.88 1.29
N GLU A 56 11.88 -9.20 2.56
CA GLU A 56 11.61 -10.55 3.09
C GLU A 56 10.08 -10.86 3.00
N ILE A 57 9.24 -9.91 3.38
CA ILE A 57 7.78 -10.09 3.29
C ILE A 57 7.31 -10.31 1.83
N THR A 58 7.79 -9.48 0.90
CA THR A 58 7.48 -9.66 -0.51
C THR A 58 7.93 -11.08 -0.98
N GLY A 59 9.11 -11.52 -0.53
CA GLY A 59 9.61 -12.86 -0.88
C GLY A 59 8.73 -14.00 -0.36
N ASN A 60 8.22 -13.88 0.87
CA ASN A 60 7.28 -14.86 1.43
C ASN A 60 6.02 -14.96 0.56
N LEU A 61 5.51 -13.81 0.10
CA LEU A 61 4.31 -13.81 -0.76
C LEU A 61 4.59 -14.40 -2.14
N LEU A 62 5.77 -14.09 -2.71
CA LEU A 62 6.15 -14.69 -4.02
C LEU A 62 6.17 -16.23 -3.95
N LYS A 63 6.75 -16.74 -2.88
CA LYS A 63 6.91 -18.19 -2.70
C LYS A 63 5.59 -18.87 -2.49
N ASN A 64 4.78 -18.31 -1.57
CA ASN A 64 3.56 -19.02 -1.12
C ASN A 64 2.27 -18.76 -1.96
N LYS A 65 2.09 -17.53 -2.44
CA LYS A 65 0.93 -17.17 -3.25
C LYS A 65 1.15 -17.35 -4.75
N LEU A 66 2.32 -16.93 -5.27
CA LEU A 66 2.61 -17.07 -6.72
C LEU A 66 3.42 -18.34 -7.13
N HIS A 67 3.91 -19.07 -6.12
N HIS A 67 3.92 -19.07 -6.13
CA HIS A 67 4.76 -20.27 -6.27
CA HIS A 67 4.65 -20.30 -6.36
C HIS A 67 6.06 -20.09 -7.04
C HIS A 67 5.99 -20.07 -7.11
N VAL A 68 6.65 -18.92 -6.89
CA VAL A 68 7.99 -18.64 -7.50
C VAL A 68 9.00 -19.56 -6.79
N GLN A 69 9.88 -20.19 -7.56
CA GLN A 69 10.85 -21.14 -7.01
C GLN A 69 11.86 -20.40 -6.13
N GLU A 70 12.18 -21.01 -5.00
CA GLU A 70 13.00 -20.41 -3.93
C GLU A 70 14.40 -20.00 -4.42
N GLN A 71 14.98 -20.77 -5.35
CA GLN A 71 16.29 -20.45 -5.96
C GLN A 71 16.39 -19.07 -6.68
N TYR A 72 15.25 -18.50 -7.06
CA TYR A 72 15.19 -17.19 -7.74
C TYR A 72 14.76 -16.01 -6.89
N ILE A 73 14.39 -16.27 -5.64
CA ILE A 73 13.98 -15.23 -4.68
C ILE A 73 15.19 -14.80 -3.85
N HIS A 74 15.54 -13.50 -3.97
CA HIS A 74 16.65 -12.87 -3.26
C HIS A 74 16.13 -11.78 -2.29
N PRO A 75 15.72 -12.17 -1.06
CA PRO A 75 15.30 -11.16 -0.08
C PRO A 75 16.49 -10.36 0.41
N LEU A 76 16.30 -9.06 0.59
CA LEU A 76 17.30 -8.19 1.19
C LEU A 76 16.78 -7.55 2.48
N PRO A 77 17.65 -7.39 3.50
CA PRO A 77 17.23 -6.67 4.72
C PRO A 77 17.07 -5.17 4.44
N LEU A 78 16.27 -4.51 5.26
CA LEU A 78 16.08 -3.05 5.15
C LEU A 78 17.28 -2.33 5.77
N ASP A 79 17.49 -1.08 5.36
CA ASP A 79 18.40 -0.15 6.04
C ASP A 79 19.86 -0.64 6.06
N THR A 80 20.23 -1.40 5.03
CA THR A 80 21.52 -2.13 4.97
C THR A 80 22.15 -1.97 3.58
N GLU A 81 23.42 -1.54 3.53
CA GLU A 81 24.13 -1.48 2.27
C GLU A 81 24.37 -2.91 1.74
N CYS A 82 23.84 -3.21 0.54
CA CYS A 82 23.98 -4.51 -0.12
C CYS A 82 24.60 -4.32 -1.49
N ILE A 83 25.43 -5.27 -1.94
CA ILE A 83 25.98 -5.23 -3.31
C ILE A 83 25.26 -6.28 -4.17
N VAL A 84 24.66 -5.84 -5.26
CA VAL A 84 23.98 -6.71 -6.24
C VAL A 84 24.62 -6.46 -7.61
N ASN A 85 25.13 -7.52 -8.25
CA ASN A 85 25.75 -7.39 -9.59
C ASN A 85 26.72 -6.17 -9.67
N GLY A 86 27.52 -5.99 -8.62
CA GLY A 86 28.53 -4.94 -8.60
C GLY A 86 28.10 -3.53 -8.29
N VAL A 87 26.87 -3.36 -7.78
CA VAL A 87 26.26 -2.04 -7.53
C VAL A 87 25.70 -1.99 -6.11
N LYS A 88 26.04 -0.95 -5.35
CA LYS A 88 25.52 -0.78 -3.98
C LYS A 88 24.05 -0.33 -4.05
N VAL A 89 23.20 -1.02 -3.29
CA VAL A 89 21.78 -0.68 -3.18
C VAL A 89 21.34 -0.70 -1.70
N VAL A 90 20.26 0.04 -1.40
CA VAL A 90 19.66 0.05 -0.06
C VAL A 90 18.14 0.01 -0.23
N LEU A 91 17.47 -0.83 0.55
CA LEU A 91 16.01 -0.85 0.67
C LEU A 91 15.56 -0.07 1.91
N LEU A 92 14.56 0.82 1.72
CA LEU A 92 14.01 1.66 2.79
C LEU A 92 12.51 1.45 2.92
N ASP A 93 11.98 1.60 4.15
CA ASP A 93 10.53 1.48 4.32
C ASP A 93 9.77 2.54 3.52
N ALA A 94 8.76 2.10 2.77
CA ALA A 94 7.93 3.00 1.96
C ALA A 94 6.67 3.50 2.64
N ASN A 95 6.34 2.98 3.83
CA ASN A 95 5.06 3.35 4.52
C ASN A 95 3.85 3.20 3.58
N HIS A 96 3.82 2.08 2.87
CA HIS A 96 2.72 1.72 1.93
C HIS A 96 2.00 0.48 2.53
N CYS A 97 2.10 -0.68 1.92
CA CYS A 97 1.52 -1.93 2.43
C CYS A 97 2.65 -2.79 3.04
N PRO A 98 2.31 -3.90 3.72
CA PRO A 98 3.40 -4.72 4.28
C PRO A 98 4.42 -5.19 3.22
N GLY A 99 5.71 -5.07 3.55
CA GLY A 99 6.80 -5.46 2.65
C GLY A 99 7.23 -4.42 1.61
N ALA A 100 6.48 -3.31 1.52
CA ALA A 100 6.77 -2.29 0.48
C ALA A 100 8.04 -1.48 0.78
N VAL A 101 8.87 -1.31 -0.23
CA VAL A 101 10.13 -0.58 -0.11
C VAL A 101 10.32 0.51 -1.16
N MET A 102 11.16 1.49 -0.81
CA MET A 102 11.83 2.40 -1.76
C MET A 102 13.25 1.83 -1.97
N ILE A 103 13.84 2.07 -3.12
CA ILE A 103 15.17 1.52 -3.48
C ILE A 103 16.12 2.68 -3.84
N LEU A 104 17.24 2.75 -3.11
CA LEU A 104 18.35 3.67 -3.37
C LEU A 104 19.44 2.92 -4.15
N PHE A 105 19.79 3.44 -5.32
CA PHE A 105 20.84 2.88 -6.19
C PHE A 105 22.05 3.85 -6.24
N TYR A 106 23.25 3.33 -5.94
CA TYR A 106 24.50 4.11 -5.98
C TYR A 106 25.24 3.66 -7.27
N LEU A 107 25.08 4.42 -8.36
CA LEU A 107 25.57 3.99 -9.69
C LEU A 107 27.09 4.07 -9.76
N PRO A 108 27.73 3.22 -10.62
CA PRO A 108 29.19 3.26 -10.77
C PRO A 108 29.75 4.65 -11.13
N ASN A 109 29.05 5.41 -11.98
CA ASN A 109 29.50 6.77 -12.35
C ASN A 109 29.38 7.86 -11.26
N GLY A 110 28.87 7.54 -10.06
CA GLY A 110 28.74 8.51 -8.94
C GLY A 110 27.34 9.12 -8.75
N THR A 111 26.46 8.85 -9.70
CA THR A 111 25.07 9.30 -9.68
C THR A 111 24.30 8.46 -8.64
N VAL A 112 23.28 9.06 -8.03
CA VAL A 112 22.47 8.39 -6.97
C VAL A 112 21.00 8.58 -7.36
N ILE A 113 20.28 7.47 -7.39
CA ILE A 113 18.90 7.42 -7.82
C ILE A 113 18.02 6.84 -6.70
N LEU A 114 16.90 7.51 -6.41
CA LEU A 114 15.88 6.95 -5.49
C LEU A 114 14.62 6.61 -6.29
N HIS A 115 14.19 5.34 -6.23
CA HIS A 115 12.87 4.94 -6.72
C HIS A 115 11.94 4.78 -5.51
N THR A 116 10.86 5.56 -5.42
CA THR A 116 9.99 5.45 -4.22
C THR A 116 9.07 4.22 -4.23
N GLY A 117 8.94 3.54 -5.35
CA GLY A 117 7.82 2.62 -5.54
C GLY A 117 6.52 3.34 -5.23
N ASP A 118 5.56 2.65 -4.62
CA ASP A 118 4.37 3.32 -4.03
C ASP A 118 4.76 3.69 -2.59
N PHE A 119 4.45 4.93 -2.15
CA PHE A 119 4.79 5.38 -0.79
C PHE A 119 3.78 6.38 -0.24
N ARG A 120 3.70 6.45 1.11
CA ARG A 120 3.03 7.56 1.81
C ARG A 120 4.10 8.30 2.60
N ALA A 121 4.56 9.40 2.00
CA ALA A 121 5.64 10.21 2.56
C ALA A 121 5.37 10.60 3.99
N ASP A 122 6.43 10.55 4.81
CA ASP A 122 6.33 10.90 6.24
C ASP A 122 7.60 11.63 6.71
N PRO A 123 7.47 12.55 7.70
CA PRO A 123 8.69 13.24 8.22
C PRO A 123 9.77 12.31 8.78
N SER A 124 9.36 11.14 9.26
CA SER A 124 10.32 10.15 9.77
C SER A 124 11.30 9.65 8.69
N MET A 125 10.92 9.74 7.40
CA MET A 125 11.83 9.36 6.31
C MET A 125 13.04 10.32 6.19
N GLU A 126 12.94 11.49 6.80
CA GLU A 126 14.04 12.48 6.80
C GLU A 126 15.21 12.03 7.70
N ARG A 127 14.97 10.97 8.50
CA ARG A 127 15.97 10.36 9.40
C ARG A 127 16.28 8.88 9.09
N SER A 128 16.02 8.49 7.85
CA SER A 128 16.57 7.28 7.28
C SER A 128 17.99 7.51 6.74
N LEU A 129 18.57 6.50 6.08
CA LEU A 129 19.84 6.60 5.36
C LEU A 129 19.82 7.69 4.26
N LEU A 130 18.63 8.21 3.90
CA LEU A 130 18.54 9.40 2.99
C LEU A 130 19.12 10.69 3.58
N ALA A 131 19.25 10.77 4.90
CA ALA A 131 19.71 12.02 5.55
C ALA A 131 21.06 12.49 5.01
N ASP A 132 21.07 13.71 4.48
CA ASP A 132 22.28 14.33 3.90
C ASP A 132 22.84 13.61 2.64
N GLN A 133 21.97 12.84 1.96
CA GLN A 133 22.37 12.10 0.74
C GLN A 133 21.91 12.88 -0.48
N LYS A 134 22.86 13.28 -1.33
CA LYS A 134 22.51 13.90 -2.59
C LYS A 134 21.78 12.84 -3.45
N VAL A 135 20.68 13.23 -4.10
CA VAL A 135 19.95 12.38 -5.06
C VAL A 135 19.88 13.12 -6.41
N HIS A 136 20.39 12.49 -7.46
CA HIS A 136 20.39 13.09 -8.79
C HIS A 136 19.08 12.89 -9.54
N MET A 137 18.47 11.72 -9.36
CA MET A 137 17.21 11.38 -10.02
C MET A 137 16.24 10.77 -9.02
N LEU A 138 15.02 11.30 -8.98
CA LEU A 138 13.94 10.80 -8.11
C LEU A 138 12.79 10.27 -8.99
N TYR A 139 12.52 8.95 -8.90
CA TYR A 139 11.40 8.34 -9.60
C TYR A 139 10.26 8.30 -8.56
N LEU A 140 9.28 9.16 -8.77
CA LEU A 140 8.32 9.56 -7.71
C LEU A 140 6.88 9.05 -7.96
N ASP A 141 6.32 8.42 -6.91
CA ASP A 141 4.89 8.08 -6.85
C ASP A 141 4.09 9.37 -6.72
N THR A 142 3.52 9.79 -7.86
CA THR A 142 2.77 11.01 -8.00
C THR A 142 1.24 10.78 -8.04
N THR A 143 0.76 9.67 -7.43
CA THR A 143 -0.67 9.31 -7.46
C THR A 143 -1.57 10.51 -7.18
N TYR A 144 -1.25 11.24 -6.10
CA TYR A 144 -2.09 12.38 -5.66
C TYR A 144 -1.37 13.75 -5.73
N CYS A 145 -0.67 13.98 -6.85
CA CYS A 145 0.08 15.22 -7.06
C CYS A 145 -0.77 16.35 -7.62
N SER A 146 -1.73 16.81 -6.81
CA SER A 146 -2.51 18.03 -7.08
C SER A 146 -3.15 18.46 -5.73
N PRO A 147 -3.28 19.78 -5.47
CA PRO A 147 -3.69 20.21 -4.13
C PRO A 147 -5.12 19.85 -3.71
N GLU A 148 -5.97 19.43 -4.65
CA GLU A 148 -7.31 18.97 -4.33
C GLU A 148 -7.29 17.71 -3.50
N TYR A 149 -6.21 16.92 -3.62
CA TYR A 149 -6.11 15.66 -2.90
C TYR A 149 -5.69 15.83 -1.43
N THR A 150 -6.71 15.88 -0.57
CA THR A 150 -6.60 15.98 0.89
C THR A 150 -7.31 14.77 1.52
N PHE A 151 -6.78 14.31 2.64
CA PHE A 151 -7.43 13.25 3.43
C PHE A 151 -6.82 13.22 4.83
N PRO A 152 -7.51 12.59 5.78
CA PRO A 152 -6.93 12.56 7.14
C PRO A 152 -5.72 11.64 7.30
N SER A 153 -5.07 11.72 8.45
CA SER A 153 -4.02 10.77 8.82
C SER A 153 -4.64 9.38 9.03
N GLN A 154 -3.82 8.34 8.87
CA GLN A 154 -4.25 6.97 9.17
C GLN A 154 -4.73 6.84 10.63
N GLN A 155 -4.01 7.47 11.55
CA GLN A 155 -4.42 7.48 12.97
C GLN A 155 -5.81 8.05 13.18
N GLU A 156 -6.14 9.19 12.57
CA GLU A 156 -7.49 9.78 12.72
C GLU A 156 -8.57 8.86 12.17
N VAL A 157 -8.29 8.20 11.03
CA VAL A 157 -9.28 7.29 10.42
C VAL A 157 -9.54 6.07 11.30
N ILE A 158 -8.47 5.52 11.86
CA ILE A 158 -8.58 4.37 12.78
C ILE A 158 -9.32 4.76 14.08
N ARG A 159 -9.06 5.95 14.61
CA ARG A 159 -9.83 6.41 15.79
C ARG A 159 -11.36 6.42 15.50
N PHE A 160 -11.73 6.97 14.35
CA PHE A 160 -13.14 6.99 13.90
C PHE A 160 -13.71 5.57 13.79
N ALA A 161 -12.96 4.66 13.16
CA ALA A 161 -13.45 3.29 12.97
C ALA A 161 -13.63 2.55 14.32
N ILE A 162 -12.62 2.65 15.20
CA ILE A 162 -12.67 2.00 16.53
C ILE A 162 -13.87 2.53 17.32
N ASN A 163 -14.03 3.85 17.37
CA ASN A 163 -15.10 4.46 18.18
C ASN A 163 -16.49 4.10 17.63
N THR A 164 -16.62 4.10 16.30
CA THR A 164 -17.88 3.73 15.64
C THR A 164 -18.28 2.27 15.93
N ALA A 165 -17.33 1.35 15.78
CA ALA A 165 -17.58 -0.06 16.02
C ALA A 165 -17.87 -0.35 17.51
N PHE A 166 -17.07 0.22 18.41
CA PHE A 166 -17.26 -0.02 19.85
C PHE A 166 -18.62 0.49 20.32
N GLU A 167 -19.02 1.69 19.88
CA GLU A 167 -20.35 2.23 20.26
C GLU A 167 -21.46 1.30 19.74
N ALA A 168 -21.36 0.87 18.48
CA ALA A 168 -22.43 0.03 17.89
C ALA A 168 -22.67 -1.32 18.60
N VAL A 169 -21.58 -2.00 18.93
CA VAL A 169 -21.61 -3.33 19.54
C VAL A 169 -21.95 -3.21 21.05
N THR A 170 -21.53 -2.11 21.70
CA THR A 170 -21.93 -1.85 23.10
C THR A 170 -23.44 -1.59 23.20
N LEU A 171 -24.00 -0.84 22.24
CA LEU A 171 -25.46 -0.64 22.17
C LEU A 171 -26.21 -1.92 21.84
N ASN A 172 -25.68 -2.67 20.87
CA ASN A 172 -26.25 -3.95 20.41
C ASN A 172 -25.21 -5.09 20.41
N PRO A 173 -25.15 -5.90 21.48
CA PRO A 173 -24.17 -7.00 21.53
C PRO A 173 -24.35 -8.09 20.46
N HIS A 174 -25.50 -8.09 19.79
CA HIS A 174 -25.76 -9.04 18.69
C HIS A 174 -25.45 -8.52 17.27
N ALA A 175 -24.78 -7.36 17.19
CA ALA A 175 -24.29 -6.85 15.90
C ALA A 175 -23.00 -7.58 15.42
N LEU A 176 -22.89 -7.74 14.11
CA LEU A 176 -21.67 -8.20 13.40
C LEU A 176 -20.97 -7.04 12.71
N VAL A 177 -19.64 -6.99 12.81
CA VAL A 177 -18.85 -6.01 12.05
C VAL A 177 -18.19 -6.70 10.85
N VAL A 178 -18.30 -6.09 9.67
CA VAL A 178 -17.69 -6.63 8.42
C VAL A 178 -16.73 -5.58 7.82
N CYS A 179 -15.56 -6.03 7.35
N CYS A 179 -15.54 -6.00 7.39
CA CYS A 179 -14.55 -5.16 6.70
CA CYS A 179 -14.59 -5.11 6.71
C CYS A 179 -14.18 -5.68 5.31
C CYS A 179 -14.26 -5.67 5.32
N GLY A 180 -14.27 -4.81 4.30
CA GLY A 180 -13.87 -5.20 2.93
C GLY A 180 -12.38 -5.14 2.66
N THR A 181 -11.89 -6.06 1.81
CA THR A 181 -10.48 -6.12 1.39
C THR A 181 -10.34 -6.60 -0.08
N TYR A 182 -9.32 -6.15 -0.80
CA TYR A 182 -9.05 -6.74 -2.15
C TYR A 182 -7.60 -6.99 -2.52
N SER A 183 -6.72 -6.78 -1.56
CA SER A 183 -5.31 -6.90 -1.74
C SER A 183 -4.69 -6.78 -0.35
N ILE A 184 -3.37 -6.84 -0.29
CA ILE A 184 -2.71 -6.53 0.96
C ILE A 184 -2.68 -4.99 1.13
N GLY A 185 -2.42 -4.57 2.36
CA GLY A 185 -2.50 -3.19 2.76
C GLY A 185 -3.75 -2.92 3.59
N LYS A 186 -3.66 -1.93 4.48
CA LYS A 186 -4.81 -1.40 5.24
C LYS A 186 -5.29 -2.40 6.32
N GLU A 187 -4.39 -3.34 6.72
CA GLU A 187 -4.73 -4.34 7.72
C GLU A 187 -5.08 -3.73 9.07
N LYS A 188 -4.51 -2.56 9.37
CA LYS A 188 -4.80 -1.89 10.65
C LYS A 188 -6.29 -1.65 10.87
N VAL A 189 -7.05 -1.46 9.80
CA VAL A 189 -8.48 -1.19 9.93
C VAL A 189 -9.16 -2.36 10.69
N PHE A 190 -9.03 -3.57 10.16
CA PHE A 190 -9.69 -4.72 10.80
C PHE A 190 -9.01 -5.17 12.10
N LEU A 191 -7.69 -5.08 12.15
CA LEU A 191 -7.00 -5.45 13.39
C LEU A 191 -7.35 -4.54 14.58
N ALA A 192 -7.44 -3.24 14.35
CA ALA A 192 -7.78 -2.29 15.42
C ALA A 192 -9.21 -2.47 15.91
N ILE A 193 -10.14 -2.68 14.99
CA ILE A 193 -11.54 -2.93 15.39
C ILE A 193 -11.66 -4.23 16.21
N ALA A 194 -11.03 -5.31 15.73
CA ALA A 194 -11.12 -6.60 16.47
C ALA A 194 -10.55 -6.50 17.87
N ASP A 195 -9.44 -5.79 17.98
CA ASP A 195 -8.79 -5.59 19.26
C ASP A 195 -9.70 -4.89 20.29
N VAL A 196 -10.38 -3.82 19.89
CA VAL A 196 -11.24 -3.09 20.82
C VAL A 196 -12.46 -3.92 21.22
N LEU A 197 -12.90 -4.82 20.32
CA LEU A 197 -14.05 -5.70 20.57
C LEU A 197 -13.70 -7.03 21.25
N GLY A 198 -12.42 -7.30 21.47
CA GLY A 198 -12.04 -8.57 22.09
C GLY A 198 -12.28 -9.83 21.25
N SER A 199 -12.16 -9.70 19.92
CA SER A 199 -12.49 -10.75 18.97
C SER A 199 -11.27 -11.04 18.08
N LYS A 200 -11.18 -12.27 17.58
CA LYS A 200 -10.33 -12.59 16.42
C LYS A 200 -11.05 -12.12 15.15
N VAL A 201 -10.28 -11.94 14.09
CA VAL A 201 -10.83 -11.61 12.79
C VAL A 201 -11.02 -12.88 11.97
N GLY A 202 -12.24 -13.17 11.53
CA GLY A 202 -12.55 -14.31 10.70
C GLY A 202 -12.50 -14.02 9.21
N MET A 203 -12.03 -15.00 8.44
CA MET A 203 -11.78 -14.83 7.00
C MET A 203 -11.68 -16.17 6.28
N SER A 204 -11.68 -16.08 4.94
CA SER A 204 -11.48 -17.24 4.06
C SER A 204 -10.09 -17.86 4.22
N GLN A 205 -9.96 -19.09 3.76
CA GLN A 205 -8.63 -19.77 3.78
C GLN A 205 -7.60 -19.02 2.92
N GLU A 206 -8.04 -18.49 1.77
CA GLU A 206 -7.15 -17.73 0.86
C GLU A 206 -6.59 -16.49 1.56
N LYS A 207 -7.46 -15.73 2.23
CA LYS A 207 -7.03 -14.51 2.93
C LYS A 207 -6.16 -14.82 4.18
N TYR A 208 -6.49 -15.88 4.92
CA TYR A 208 -5.66 -16.34 6.03
C TYR A 208 -4.21 -16.65 5.58
N LYS A 209 -4.08 -17.39 4.47
CA LYS A 209 -2.78 -17.71 3.87
C LYS A 209 -1.97 -16.43 3.59
N THR A 210 -2.60 -15.43 2.97
CA THR A 210 -1.94 -14.16 2.69
C THR A 210 -1.42 -13.48 3.97
N LEU A 211 -2.28 -13.36 4.99
CA LEU A 211 -1.85 -12.74 6.24
C LEU A 211 -0.73 -13.51 6.97
N GLN A 212 -0.74 -14.84 6.85
CA GLN A 212 0.36 -15.66 7.41
C GLN A 212 1.76 -15.38 6.78
N CYS A 213 1.83 -14.71 5.63
CA CYS A 213 3.10 -14.29 4.99
C CYS A 213 3.70 -12.94 5.46
N LEU A 214 2.99 -12.20 6.32
CA LEU A 214 3.34 -10.79 6.59
C LEU A 214 4.18 -10.44 7.83
N ASN A 215 4.75 -11.45 8.51
CA ASN A 215 5.57 -11.25 9.73
C ASN A 215 4.93 -10.31 10.79
N ILE A 216 3.62 -10.45 10.99
CA ILE A 216 2.92 -9.63 11.97
C ILE A 216 3.08 -10.34 13.30
N PRO A 217 3.64 -9.66 14.32
CA PRO A 217 3.81 -10.33 15.62
C PRO A 217 2.51 -10.86 16.22
N GLU A 218 2.61 -12.04 16.84
CA GLU A 218 1.48 -12.72 17.49
C GLU A 218 0.28 -12.98 16.56
N ILE A 219 0.52 -13.12 15.26
CA ILE A 219 -0.59 -13.26 14.27
C ILE A 219 -1.56 -14.42 14.58
N ASN A 220 -1.06 -15.55 15.09
CA ASN A 220 -1.94 -16.68 15.37
C ASN A 220 -3.01 -16.35 16.44
N SER A 221 -2.69 -15.42 17.35
CA SER A 221 -3.63 -14.90 18.36
C SER A 221 -4.68 -13.93 17.80
N LEU A 222 -4.51 -13.45 16.57
CA LEU A 222 -5.36 -12.37 16.03
C LEU A 222 -6.37 -12.75 14.94
N ILE A 223 -6.16 -13.85 14.23
CA ILE A 223 -6.93 -14.19 13.00
C ILE A 223 -7.36 -15.66 13.02
N THR A 224 -8.42 -15.98 12.28
CA THR A 224 -8.98 -17.34 12.25
C THR A 224 -9.77 -17.63 10.98
N THR A 225 -9.83 -18.91 10.58
CA THR A 225 -10.76 -19.35 9.53
C THR A 225 -12.13 -19.80 10.08
N ASP A 226 -12.28 -19.84 11.40
CA ASP A 226 -13.57 -20.23 12.03
C ASP A 226 -14.46 -18.98 12.15
N MET A 227 -15.31 -18.77 11.15
CA MET A 227 -16.14 -17.54 11.07
C MET A 227 -17.06 -17.39 12.28
N CYS A 228 -17.60 -18.50 12.76
CA CYS A 228 -18.63 -18.45 13.79
C CYS A 228 -18.10 -18.08 15.18
N SER A 229 -16.80 -18.26 15.42
CA SER A 229 -16.14 -17.81 16.67
C SER A 229 -15.81 -16.31 16.74
N SER A 230 -16.05 -15.57 15.64
CA SER A 230 -15.57 -14.21 15.44
C SER A 230 -16.74 -13.27 15.21
N LEU A 231 -16.67 -12.04 15.73
CA LEU A 231 -17.64 -10.98 15.38
C LEU A 231 -17.07 -9.82 14.56
N VAL A 232 -15.86 -9.99 14.01
CA VAL A 232 -15.32 -9.15 12.93
C VAL A 232 -14.96 -10.08 11.75
N HIS A 233 -15.68 -9.95 10.63
CA HIS A 233 -15.46 -10.77 9.43
C HIS A 233 -14.84 -9.96 8.28
N LEU A 234 -13.89 -10.56 7.55
CA LEU A 234 -13.41 -9.99 6.27
C LEU A 234 -14.13 -10.59 5.09
N LEU A 235 -14.50 -9.74 4.15
CA LEU A 235 -15.07 -10.17 2.88
C LEU A 235 -14.41 -9.46 1.72
N PRO A 236 -14.41 -10.08 0.52
CA PRO A 236 -13.96 -9.33 -0.63
C PRO A 236 -14.71 -8.01 -0.79
N MET A 237 -14.01 -6.98 -1.21
CA MET A 237 -14.56 -5.61 -1.31
C MET A 237 -15.80 -5.53 -2.17
N MET A 238 -15.86 -6.37 -3.22
CA MET A 238 -17.00 -6.41 -4.11
C MET A 238 -18.31 -6.91 -3.48
N GLN A 239 -18.22 -7.58 -2.33
CA GLN A 239 -19.39 -7.99 -1.57
C GLN A 239 -19.93 -6.95 -0.55
N ILE A 240 -19.26 -5.80 -0.40
CA ILE A 240 -19.66 -4.81 0.62
C ILE A 240 -20.68 -3.87 -0.03
N ASN A 241 -21.91 -4.40 -0.15
CA ASN A 241 -23.10 -3.70 -0.64
C ASN A 241 -24.31 -4.38 0.00
N PHE A 242 -25.49 -3.77 -0.13
CA PHE A 242 -26.66 -4.28 0.59
C PHE A 242 -26.98 -5.73 0.20
N LYS A 243 -26.94 -6.05 -1.10
CA LYS A 243 -27.18 -7.42 -1.59
C LYS A 243 -26.21 -8.44 -0.97
N GLY A 244 -24.92 -8.10 -1.02
CA GLY A 244 -23.89 -9.00 -0.52
C GLY A 244 -23.91 -9.17 0.99
N LEU A 245 -24.24 -8.10 1.71
CA LEU A 245 -24.26 -8.17 3.19
C LEU A 245 -25.50 -8.90 3.71
N GLN A 246 -26.64 -8.70 3.06
CA GLN A 246 -27.88 -9.45 3.39
C GLN A 246 -27.65 -10.95 3.22
N SER A 247 -26.98 -11.30 2.11
CA SER A 247 -26.63 -12.67 1.81
C SER A 247 -25.71 -13.23 2.92
N HIS A 248 -24.69 -12.47 3.32
CA HIS A 248 -23.79 -12.92 4.36
C HIS A 248 -24.51 -13.13 5.70
N LEU A 249 -25.42 -12.24 6.04
CA LEU A 249 -26.15 -12.31 7.31
C LEU A 249 -26.98 -13.60 7.43
N LYS A 250 -27.49 -14.08 6.31
CA LYS A 250 -28.24 -15.36 6.28
C LYS A 250 -27.35 -16.55 6.64
N LYS A 251 -26.09 -16.54 6.18
CA LYS A 251 -25.18 -17.69 6.38
C LYS A 251 -24.74 -17.89 7.84
N CYS A 252 -24.88 -16.86 8.67
CA CYS A 252 -24.46 -16.93 10.09
C CYS A 252 -25.47 -17.64 11.02
N GLY A 253 -26.63 -18.03 10.50
CA GLY A 253 -27.58 -18.87 11.22
C GLY A 253 -28.28 -18.21 12.40
N GLY A 254 -28.67 -16.95 12.21
CA GLY A 254 -29.39 -16.18 13.25
C GLY A 254 -28.60 -15.97 14.53
N LYS A 255 -27.27 -15.87 14.39
CA LYS A 255 -26.39 -15.46 15.49
C LYS A 255 -26.41 -13.94 15.64
N TYR A 256 -26.61 -13.23 14.52
CA TYR A 256 -26.54 -11.77 14.51
C TYR A 256 -27.80 -11.17 13.94
N ASN A 257 -28.11 -9.94 14.34
CA ASN A 257 -29.36 -9.25 13.88
C ASN A 257 -29.10 -7.83 13.35
N GLN A 258 -27.83 -7.51 13.06
CA GLN A 258 -27.39 -6.19 12.55
C GLN A 258 -25.99 -6.37 11.94
N ILE A 259 -25.69 -5.66 10.84
CA ILE A 259 -24.33 -5.54 10.29
C ILE A 259 -23.93 -4.07 10.21
N LEU A 260 -22.73 -3.80 10.70
CA LEU A 260 -22.01 -2.55 10.50
C LEU A 260 -20.79 -2.92 9.63
N ALA A 261 -20.70 -2.32 8.44
CA ALA A 261 -19.63 -2.61 7.46
C ALA A 261 -18.77 -1.39 7.15
N PHE A 262 -17.47 -1.64 6.96
CA PHE A 262 -16.50 -0.63 6.52
C PHE A 262 -15.91 -0.95 5.15
N ARG A 263 -15.83 0.06 4.28
CA ARG A 263 -15.26 0.01 2.91
C ARG A 263 -14.09 0.98 2.92
N PRO A 264 -12.87 0.48 3.17
CA PRO A 264 -11.75 1.36 3.07
C PRO A 264 -11.49 1.70 1.59
N THR A 265 -11.45 2.99 1.32
CA THR A 265 -11.15 3.53 0.00
C THR A 265 -9.84 4.29 0.04
N GLY A 266 -9.40 4.77 -1.13
CA GLY A 266 -8.46 5.89 -1.18
C GLY A 266 -9.20 7.23 -1.04
N TRP A 267 -8.60 8.27 -1.61
CA TRP A 267 -9.30 9.55 -1.74
C TRP A 267 -10.65 9.40 -2.49
N THR A 268 -11.65 10.13 -2.01
CA THR A 268 -12.90 10.46 -2.74
C THR A 268 -13.21 11.96 -2.59
N HIS A 269 -14.02 12.48 -3.49
CA HIS A 269 -14.44 13.90 -3.53
C HIS A 269 -15.20 14.38 -2.29
N SER A 270 -15.86 13.49 -1.56
CA SER A 270 -16.47 13.92 -0.28
C SER A 270 -15.45 14.51 0.74
N ASN A 271 -14.17 14.15 0.62
CA ASN A 271 -13.10 14.79 1.43
C ASN A 271 -12.98 16.32 1.25
N LYS A 272 -13.46 16.84 0.11
CA LYS A 272 -13.59 18.29 -0.13
C LYS A 272 -14.53 18.99 0.85
N PHE A 273 -15.64 18.32 1.18
CA PHE A 273 -16.73 18.92 1.94
C PHE A 273 -16.88 18.38 3.36
N THR A 274 -16.73 17.06 3.52
CA THR A 274 -17.10 16.38 4.75
C THR A 274 -15.85 15.89 5.50
N ARG A 275 -15.67 16.40 6.72
CA ARG A 275 -14.55 16.06 7.63
C ARG A 275 -14.81 14.69 8.24
N ILE A 276 -13.76 13.94 8.57
CA ILE A 276 -13.90 12.53 8.98
C ILE A 276 -14.87 12.33 10.16
N ALA A 277 -14.84 13.24 11.14
CA ALA A 277 -15.74 13.19 12.29
C ALA A 277 -17.22 13.28 11.88
N ASP A 278 -17.49 14.03 10.80
CA ASP A 278 -18.85 14.28 10.30
C ASP A 278 -19.40 13.20 9.34
N VAL A 279 -18.61 12.17 9.06
CA VAL A 279 -18.99 11.09 8.12
C VAL A 279 -20.19 10.28 8.63
N ILE A 280 -21.12 10.00 7.71
CA ILE A 280 -22.31 9.20 7.99
C ILE A 280 -22.42 8.01 7.01
N PRO A 281 -23.12 6.93 7.41
CA PRO A 281 -23.22 5.73 6.55
C PRO A 281 -24.38 5.75 5.56
N GLN A 282 -24.33 4.85 4.57
CA GLN A 282 -25.53 4.44 3.81
C GLN A 282 -26.22 3.35 4.62
N THR A 283 -27.54 3.46 4.80
CA THR A 283 -28.30 2.51 5.61
C THR A 283 -29.53 1.97 4.87
N LYS A 284 -29.79 0.67 5.02
CA LYS A 284 -31.01 0.00 4.55
C LYS A 284 -31.38 -1.05 5.62
N GLY A 285 -32.46 -0.80 6.35
CA GLY A 285 -32.87 -1.67 7.46
C GLY A 285 -31.77 -1.84 8.50
N ASN A 286 -31.42 -3.09 8.83
CA ASN A 286 -30.41 -3.42 9.84
C ASN A 286 -28.97 -3.50 9.29
N ILE A 287 -28.73 -2.95 8.10
CA ILE A 287 -27.36 -2.87 7.52
C ILE A 287 -26.93 -1.42 7.30
N SER A 288 -25.73 -1.08 7.78
CA SER A 288 -25.09 0.23 7.58
C SER A 288 -23.69 0.03 6.96
N ILE A 289 -23.33 0.89 5.99
CA ILE A 289 -22.04 0.87 5.29
C ILE A 289 -21.32 2.23 5.37
N TYR A 290 -20.12 2.22 5.96
CA TYR A 290 -19.25 3.41 6.05
C TYR A 290 -18.09 3.31 5.06
N GLY A 291 -17.97 4.30 4.18
CA GLY A 291 -16.77 4.45 3.35
C GLY A 291 -15.78 5.30 4.12
N ILE A 292 -14.57 4.79 4.33
CA ILE A 292 -13.54 5.53 5.12
C ILE A 292 -12.25 5.73 4.29
N PRO A 293 -11.75 6.98 4.23
CA PRO A 293 -10.61 7.27 3.33
C PRO A 293 -9.26 6.95 3.99
N TYR A 294 -8.91 5.67 4.00
CA TYR A 294 -7.65 5.20 4.54
C TYR A 294 -6.61 5.07 3.40
N SER A 295 -5.79 6.09 3.23
CA SER A 295 -4.81 6.14 2.14
C SER A 295 -3.46 5.55 2.51
N GLU A 296 -2.91 4.73 1.60
CA GLU A 296 -1.50 4.31 1.67
C GLU A 296 -0.62 5.00 0.60
N HIS A 297 -1.10 6.15 0.08
CA HIS A 297 -0.31 7.03 -0.79
C HIS A 297 -0.22 8.44 -0.17
N SER A 298 0.87 9.15 -0.47
CA SER A 298 1.07 10.54 -0.02
C SER A 298 -0.12 11.44 -0.39
N SER A 299 -0.56 12.30 0.55
CA SER A 299 -1.35 13.48 0.18
C SER A 299 -0.47 14.44 -0.64
N TYR A 300 -1.08 15.40 -1.31
CA TYR A 300 -0.29 16.47 -1.96
C TYR A 300 0.69 17.13 -0.95
N LEU A 301 0.18 17.53 0.23
CA LEU A 301 1.03 18.22 1.23
C LEU A 301 2.21 17.35 1.72
N GLU A 302 1.95 16.06 1.94
CA GLU A 302 3.01 15.12 2.38
C GLU A 302 4.10 14.94 1.32
N MET A 303 3.66 14.77 0.07
CA MET A 303 4.56 14.65 -1.10
C MET A 303 5.45 15.92 -1.26
N LYS A 304 4.82 17.10 -1.23
CA LYS A 304 5.54 18.37 -1.32
C LYS A 304 6.60 18.52 -0.24
N ARG A 305 6.26 18.20 1.01
CA ARG A 305 7.24 18.28 2.11
C ARG A 305 8.47 17.40 1.86
N PHE A 306 8.22 16.14 1.48
CA PHE A 306 9.29 15.18 1.23
C PHE A 306 10.25 15.64 0.13
N VAL A 307 9.66 16.09 -1.00
CA VAL A 307 10.46 16.51 -2.15
C VAL A 307 11.26 17.80 -1.84
N GLN A 308 10.64 18.75 -1.15
CA GLN A 308 11.35 19.99 -0.77
C GLN A 308 12.50 19.73 0.21
N TRP A 309 12.36 18.70 1.06
CA TRP A 309 13.45 18.29 1.96
C TRP A 309 14.58 17.56 1.19
N LEU A 310 14.22 16.64 0.29
CA LEU A 310 15.19 15.84 -0.44
C LEU A 310 16.04 16.65 -1.44
N LYS A 311 15.40 17.63 -2.08
CA LYS A 311 16.03 18.52 -3.07
C LYS A 311 16.67 17.75 -4.24
N PRO A 312 15.90 16.86 -4.89
CA PRO A 312 16.48 16.08 -5.99
C PRO A 312 16.83 16.98 -7.19
N GLN A 313 17.83 16.59 -8.00
CA GLN A 313 18.19 17.39 -9.17
C GLN A 313 17.19 17.30 -10.31
N LYS A 314 16.56 16.13 -10.45
CA LYS A 314 15.57 15.86 -11.49
C LYS A 314 14.51 14.90 -10.94
N ILE A 315 13.24 15.14 -11.28
CA ILE A 315 12.11 14.28 -10.89
C ILE A 315 11.48 13.64 -12.14
N ILE A 316 11.27 12.32 -12.07
CA ILE A 316 10.57 11.55 -13.09
C ILE A 316 9.30 10.97 -12.45
N PRO A 317 8.12 11.49 -12.82
CA PRO A 317 6.89 10.89 -12.26
C PRO A 317 6.63 9.50 -12.76
N THR A 318 6.04 8.66 -11.91
CA THR A 318 5.68 7.29 -12.32
C THR A 318 4.16 7.00 -12.37
N VAL A 319 3.33 7.99 -12.05
CA VAL A 319 1.87 7.86 -12.03
C VAL A 319 1.25 9.12 -12.66
N ASN A 320 0.15 8.93 -13.38
CA ASN A 320 -0.57 10.02 -14.09
C ASN A 320 0.23 10.57 -15.27
N VAL A 321 1.07 9.74 -15.89
CA VAL A 321 1.91 10.21 -16.99
C VAL A 321 1.28 10.06 -18.37
N GLY A 322 0.03 9.58 -18.43
CA GLY A 322 -0.55 9.23 -19.72
C GLY A 322 -1.26 10.33 -20.50
N THR A 323 -1.45 11.51 -19.92
CA THR A 323 -2.10 12.62 -20.63
C THR A 323 -1.19 13.86 -20.61
N TRP A 324 -1.27 14.68 -21.65
CA TRP A 324 -0.47 15.90 -21.72
C TRP A 324 -0.85 16.84 -20.56
N LYS A 325 -2.14 16.96 -20.27
CA LYS A 325 -2.62 17.84 -19.19
C LYS A 325 -2.08 17.41 -17.81
N SER A 326 -2.18 16.11 -17.50
CA SER A 326 -1.66 15.54 -16.26
C SER A 326 -0.16 15.76 -16.10
N ARG A 327 0.60 15.45 -17.16
CA ARG A 327 2.05 15.66 -17.15
C ARG A 327 2.42 17.14 -16.90
N SER A 328 1.77 18.06 -17.61
CA SER A 328 2.00 19.51 -17.48
C SER A 328 1.67 20.00 -16.08
N THR A 329 0.53 19.56 -15.54
CA THR A 329 0.16 19.94 -14.16
C THR A 329 1.28 19.55 -13.14
N MET A 330 1.79 18.34 -13.23
CA MET A 330 2.82 17.88 -12.29
C MET A 330 4.13 18.66 -12.43
N GLU A 331 4.54 18.90 -13.68
N GLU A 331 4.58 18.90 -13.66
CA GLU A 331 5.75 19.68 -13.97
CA GLU A 331 5.81 19.69 -13.86
C GLU A 331 5.68 21.10 -13.39
C GLU A 331 5.68 21.11 -13.30
N LYS A 332 4.52 21.75 -13.48
CA LYS A 332 4.27 23.11 -12.90
C LYS A 332 4.43 23.09 -11.38
N TYR A 333 3.89 22.05 -10.72
CA TYR A 333 4.10 21.94 -9.24
C TYR A 333 5.56 21.71 -8.85
N PHE A 334 6.27 20.86 -9.59
CA PHE A 334 7.69 20.62 -9.29
C PHE A 334 8.49 21.92 -9.38
N ARG A 335 8.19 22.75 -10.40
CA ARG A 335 8.87 24.06 -10.52
C ARG A 335 8.50 25.04 -9.36
N GLU A 336 7.23 25.08 -9.00
N GLU A 336 7.22 25.06 -8.98
CA GLU A 336 6.82 25.89 -7.86
CA GLU A 336 6.74 25.86 -7.84
C GLU A 336 7.61 25.48 -6.62
C GLU A 336 7.39 25.49 -6.51
N TRP A 337 7.61 24.19 -6.31
CA TRP A 337 8.26 23.68 -5.09
C TRP A 337 9.75 24.06 -5.03
N LYS A 338 10.41 23.93 -6.19
CA LYS A 338 11.86 24.24 -6.32
C LYS A 338 12.11 25.74 -6.11
N LEU A 339 11.28 26.59 -6.73
CA LEU A 339 11.40 28.07 -6.52
C LEU A 339 11.16 28.53 -5.07
N GLU A 340 10.14 27.93 -4.43
CA GLU A 340 9.79 28.25 -3.06
C GLU A 340 10.92 27.86 -2.09
N ALA A 341 11.51 26.68 -2.30
CA ALA A 341 12.55 26.16 -1.38
C ALA A 341 13.98 26.54 -1.71
N GLY A 342 14.25 27.01 -2.93
CA GLY A 342 15.58 27.54 -3.29
C GLY A 342 16.62 26.58 -3.86
N TYR A 343 16.21 25.38 -4.25
CA TYR A 343 17.13 24.38 -4.83
C TYR A 343 17.09 24.41 -6.36
C1 MLI B . -2.40 -0.27 -5.94
C2 MLI B . -2.14 0.91 -5.04
C3 MLI B . -1.19 -0.55 -6.84
O6 MLI B . -2.90 1.89 -5.04
O7 MLI B . -1.14 0.87 -4.29
O8 MLI B . -1.41 -0.61 -8.06
O9 MLI B . -0.05 -0.73 -6.31
NI NI C . 0.65 -0.26 -4.37
N1 AXG D . -6.81 15.61 -11.67
C4 AXG D . -4.43 14.96 -12.07
C5 AXG D . -3.38 15.87 -12.19
C6 AXG D . -2.17 15.63 -11.55
C7 AXG D . -5.76 15.27 -12.70
C8 AXG D . -6.33 16.63 -10.67
C10 AXG D . -8.73 17.22 -10.22
C13 AXG D . -10.06 16.56 -8.17
C15 AXG D . -11.45 18.29 -8.08
C1 AXG D . -2.01 14.49 -10.79
C2 AXG D . -3.05 13.60 -10.65
C3 AXG D . -4.26 13.83 -11.29
C9 AXG D . -7.37 16.90 -9.61
C11 AXG D . -9.14 16.17 -11.24
C12 AXG D . -8.09 16.05 -12.31
N2 AXG D . -9.77 17.41 -9.20
C14 AXG D . -11.09 17.07 -7.48
C16 AXG D . -10.63 18.47 -9.14
#